data_9GSL
#
_entry.id   9GSL
#
_cell.length_a   1.00
_cell.length_b   1.00
_cell.length_c   1.00
_cell.angle_alpha   90.00
_cell.angle_beta   90.00
_cell.angle_gamma   90.00
#
_symmetry.space_group_name_H-M   'P 1'
#
loop_
_entity.id
_entity.type
_entity.pdbx_description
1 polymer 'Solute carrier family 35 member B1'
2 polymer Fv-MBP
#
loop_
_entity_poly.entity_id
_entity_poly.type
_entity_poly.pdbx_seq_one_letter_code
_entity_poly.pdbx_strand_id
1 'polypeptide(L)'
;MASSSSLVPDRLRLPLCFLGVFVCYFYYGILQEKITRGKYGEGAKQETFTFALTLVFIQCVINAVFAKILIQFFDTARVD
HTRSWLYAACSISYLGAMVSSNSALQFVNYPTQVLGKSCKPIPVMLLGVTLLKKKYPLAKYLCVLLIVAGVALFMYKPKK
VVGIEEHTVGYGELLLLLSLTLDGLTGVSQDHMRAHYQTGSNHMMLNINLWSTLLLGMGILFTGELWEFLSFAERYPAII
YNILLFGLTSALGQSFIFMTVVYFGPLTCSIITTTRKFFTILASVILFANPISPMQWVGTVLVFLGLGLDAKFGKGAKKT
SHGENLYFQ
;
A
2 'polypeptide(L)'
;DIVMTQSPASLTVSLGQSVTISCRASENVEYYGTSLMQWYQQKPGQPPKFLIYGASNIESGVPARFSGSGSGTDFSLNIH
PVEEDDIAMYFCQQSRKVPYTFGSGTKLEIKGSGKIEEGKLVIWINGDKGYNGLAEVGKKFEKDTGIKVTVEHPDKLEEK
FPQVAATGDGPDIIFWAHDRFGGYAQSGLLAEITPDKAFQDKLYPFTWDAVRYNGKLIAYPIAVEALSLIYNKDLLPNPP
KTWEEIPALDKELKAKGKSALMFNLQEPYFTWPLIAADGGYAFKYENGKYDIKDVGVDNAGAKAGLTFLVDLIKNKHMNA
DTDYSIAEAAFNKGETAMTINGPWAWSNIDTSKVNYGVTVLPTFKGQPSKPFVGVLSAGINAASPNKELAKEFLENYLLT
DEGLEAVNKDKPLGAVALKSYEEELVKDPRIAATMENAQKGEIMPNIPQMSAFWYAVRTAVINAASGRQTVDEALKDAQT
NALGSGEVQLQESGPGLVKPSQSLSLTCSVTGYSITSDYYWNWIRQFPGNKLEWMAYIRYDGTSDYNPSLKNRISITRDT
SKNQFFLKLNSVATEDTATYYCARAYYYDGINFDYWGQGTTLTVSSENLYFQ
;
B
#
# COMPACT_ATOMS: atom_id res chain seq x y z
N LEU A 12 28.30 -9.77 11.96
CA LEU A 12 27.09 -10.58 11.85
C LEU A 12 26.07 -9.85 10.99
N ARG A 13 24.88 -9.57 11.54
CA ARG A 13 23.77 -8.89 10.87
C ARG A 13 23.02 -9.79 9.89
N LEU A 14 23.41 -11.04 9.76
CA LEU A 14 22.76 -12.00 8.88
C LEU A 14 21.79 -12.87 9.68
N PRO A 15 20.95 -13.66 9.00
CA PRO A 15 19.95 -14.46 9.72
C PRO A 15 20.54 -15.47 10.70
N LEU A 16 21.86 -15.57 10.78
CA LEU A 16 22.47 -16.48 11.75
C LEU A 16 22.00 -16.15 13.16
N CYS A 17 22.02 -14.87 13.53
CA CYS A 17 21.54 -14.42 14.84
C CYS A 17 20.84 -13.07 14.65
N PHE A 18 19.54 -13.11 14.40
CA PHE A 18 18.74 -11.90 14.31
C PHE A 18 18.17 -11.54 15.69
N LEU A 19 19.09 -11.24 16.61
CA LEU A 19 18.72 -11.05 18.00
C LEU A 19 17.64 -9.98 18.14
N GLY A 20 17.61 -9.01 17.25
CA GLY A 20 16.65 -7.92 17.35
C GLY A 20 15.23 -8.38 17.53
N VAL A 21 14.67 -9.01 16.50
CA VAL A 21 13.27 -9.42 16.55
C VAL A 21 13.06 -10.41 17.69
N PHE A 22 13.97 -11.35 17.85
CA PHE A 22 13.81 -12.38 18.87
C PHE A 22 13.64 -11.76 20.25
N VAL A 23 14.62 -10.98 20.69
CA VAL A 23 14.56 -10.40 22.04
C VAL A 23 13.39 -9.43 22.15
N CYS A 24 13.18 -8.62 21.11
CA CYS A 24 12.11 -7.64 21.17
C CYS A 24 10.76 -8.31 21.44
N TYR A 25 10.42 -9.32 20.62
CA TYR A 25 9.11 -9.94 20.78
C TYR A 25 9.06 -10.85 22.01
N PHE A 26 10.19 -11.41 22.42
CA PHE A 26 10.22 -12.18 23.67
C PHE A 26 9.86 -11.29 24.84
N TYR A 27 10.51 -10.14 24.96
CA TYR A 27 10.18 -9.20 26.02
C TYR A 27 8.75 -8.69 25.87
N TYR A 28 8.30 -8.47 24.63
CA TYR A 28 6.93 -8.03 24.41
C TYR A 28 5.95 -9.04 25.01
N GLY A 29 6.10 -10.32 24.69
CA GLY A 29 5.19 -11.33 25.20
C GLY A 29 5.27 -11.48 26.70
N ILE A 30 6.48 -11.53 27.25
CA ILE A 30 6.62 -11.71 28.69
C ILE A 30 6.01 -10.53 29.43
N LEU A 31 6.24 -9.31 28.94
CA LEU A 31 5.68 -8.13 29.58
C LEU A 31 4.16 -8.11 29.47
N GLN A 32 3.62 -8.52 28.32
CA GLN A 32 2.17 -8.57 28.18
C GLN A 32 1.56 -9.53 29.18
N GLU A 33 2.14 -10.73 29.30
CA GLU A 33 1.61 -11.70 30.25
C GLU A 33 1.76 -11.20 31.69
N LYS A 34 2.86 -10.51 32.00
CA LYS A 34 3.06 -10.02 33.35
C LYS A 34 2.07 -8.92 33.71
N ILE A 35 1.87 -7.95 32.81
CA ILE A 35 1.02 -6.81 33.11
C ILE A 35 -0.44 -7.21 33.10
N THR A 36 -0.88 -7.93 32.07
CA THR A 36 -2.30 -8.22 31.93
C THR A 36 -2.82 -9.11 33.05
N ARG A 37 -2.12 -10.23 33.30
CA ARG A 37 -2.54 -11.19 34.32
C ARG A 37 -1.84 -10.96 35.64
N GLY A 38 -1.17 -9.82 35.82
CA GLY A 38 -0.47 -9.57 37.06
C GLY A 38 -1.42 -9.64 38.25
N LYS A 39 -0.95 -10.23 39.34
CA LYS A 39 -1.74 -10.37 40.56
C LYS A 39 -1.62 -9.12 41.41
N TYR A 40 -2.22 -8.04 40.90
CA TYR A 40 -2.19 -6.77 41.62
C TYR A 40 -3.01 -6.84 42.89
N GLY A 41 -2.46 -6.30 43.97
CA GLY A 41 -3.12 -6.32 45.26
C GLY A 41 -3.01 -7.68 45.93
N GLU A 42 -3.40 -7.70 47.20
CA GLU A 42 -3.33 -8.91 48.01
C GLU A 42 -4.69 -9.18 48.65
N GLY A 43 -5.10 -10.44 48.63
CA GLY A 43 -6.33 -10.83 49.31
C GLY A 43 -7.52 -10.04 48.78
N ALA A 44 -8.30 -9.49 49.71
CA ALA A 44 -9.50 -8.76 49.33
C ALA A 44 -9.14 -7.53 48.50
N LYS A 45 -8.10 -6.80 48.90
CA LYS A 45 -7.70 -5.58 48.21
C LYS A 45 -6.96 -5.91 46.92
N GLN A 46 -7.65 -6.60 46.03
CA GLN A 46 -7.09 -7.04 44.75
C GLN A 46 -7.86 -6.37 43.62
N GLU A 47 -7.12 -5.80 42.67
CA GLU A 47 -7.71 -5.08 41.54
C GLU A 47 -7.06 -5.62 40.26
N THR A 48 -7.78 -6.46 39.54
CA THR A 48 -7.25 -7.00 38.29
C THR A 48 -7.14 -5.90 37.24
N PHE A 49 -6.29 -6.14 36.24
CA PHE A 49 -6.02 -5.15 35.22
C PHE A 49 -7.20 -5.04 34.25
N THR A 50 -8.18 -4.22 34.60
CA THR A 50 -9.39 -4.06 33.81
C THR A 50 -9.26 -3.02 32.71
N PHE A 51 -8.11 -2.33 32.62
CA PHE A 51 -7.91 -1.28 31.63
C PHE A 51 -7.18 -1.86 30.43
N ALA A 52 -7.81 -1.79 29.26
CA ALA A 52 -7.22 -2.26 28.02
C ALA A 52 -7.05 -1.18 26.98
N LEU A 53 -7.94 -0.19 26.92
CA LEU A 53 -7.82 0.87 25.93
C LEU A 53 -6.55 1.67 26.12
N THR A 54 -6.20 1.98 27.38
CA THR A 54 -5.03 2.80 27.64
C THR A 54 -3.75 2.13 27.13
N LEU A 55 -3.62 0.83 27.34
CA LEU A 55 -2.42 0.14 26.90
C LEU A 55 -2.27 0.20 25.38
N VAL A 56 -3.37 -0.07 24.67
CA VAL A 56 -3.32 -0.04 23.21
C VAL A 56 -3.03 1.38 22.73
N PHE A 57 -3.59 2.37 23.40
CA PHE A 57 -3.34 3.76 23.02
C PHE A 57 -1.86 4.11 23.17
N ILE A 58 -1.26 3.71 24.30
CA ILE A 58 0.16 3.98 24.50
C ILE A 58 1.00 3.28 23.45
N GLN A 59 0.68 2.00 23.18
CA GLN A 59 1.42 1.25 22.18
C GLN A 59 1.31 1.92 20.81
N CYS A 60 0.12 2.38 20.45
CA CYS A 60 -0.07 3.04 19.16
C CYS A 60 0.75 4.32 19.08
N VAL A 61 0.75 5.12 20.15
CA VAL A 61 1.51 6.37 20.14
C VAL A 61 2.99 6.09 19.94
N ILE A 62 3.52 5.11 20.69
CA ILE A 62 4.95 4.82 20.58
C ILE A 62 5.28 4.29 19.19
N ASN A 63 4.44 3.42 18.65
CA ASN A 63 4.67 2.91 17.31
C ASN A 63 4.67 4.04 16.29
N ALA A 64 3.73 4.98 16.43
CA ALA A 64 3.65 6.09 15.49
C ALA A 64 4.91 6.94 15.53
N VAL A 65 5.38 7.27 16.74
CA VAL A 65 6.55 8.13 16.84
C VAL A 65 7.78 7.42 16.29
N PHE A 66 7.93 6.13 16.60
CA PHE A 66 9.08 5.40 16.07
C PHE A 66 9.02 5.30 14.55
N ALA A 67 7.83 5.09 13.99
CA ALA A 67 7.71 5.04 12.54
C ALA A 67 8.06 6.37 11.91
N LYS A 68 7.61 7.47 12.52
CA LYS A 68 7.95 8.79 11.99
C LYS A 68 9.45 9.01 12.00
N ILE A 69 10.10 8.66 13.11
CA ILE A 69 11.55 8.82 13.18
C ILE A 69 12.24 7.97 12.12
N LEU A 70 11.77 6.72 11.96
CA LEU A 70 12.39 5.83 10.98
C LEU A 70 12.27 6.40 9.58
N ILE A 71 11.09 6.88 9.20
CA ILE A 71 10.93 7.42 7.86
C ILE A 71 11.76 8.67 7.68
N GLN A 72 11.87 9.50 8.73
CA GLN A 72 12.68 10.70 8.63
C GLN A 72 14.15 10.36 8.41
N PHE A 73 14.66 9.34 9.11
CA PHE A 73 16.07 8.98 9.02
C PHE A 73 16.38 8.10 7.81
N PHE A 74 15.36 7.63 7.08
CA PHE A 74 15.55 6.77 5.92
C PHE A 74 15.03 7.49 4.68
N ASP A 75 14.99 6.78 3.56
CA ASP A 75 14.65 7.39 2.28
C ASP A 75 13.30 8.10 2.37
N THR A 76 13.26 9.33 1.84
CA THR A 76 12.05 10.14 1.85
C THR A 76 11.61 10.53 0.44
N ALA A 77 12.29 10.05 -0.60
CA ALA A 77 11.92 10.42 -1.95
C ALA A 77 10.51 9.94 -2.30
N ARG A 78 10.10 8.80 -1.76
CA ARG A 78 8.79 8.25 -2.08
C ARG A 78 7.69 9.23 -1.70
N VAL A 79 6.67 9.32 -2.56
CA VAL A 79 5.51 10.18 -2.33
C VAL A 79 4.30 9.28 -2.24
N ASP A 80 3.58 9.37 -1.12
CA ASP A 80 2.41 8.53 -0.92
C ASP A 80 1.28 8.92 -1.88
N HIS A 81 0.50 7.91 -2.28
CA HIS A 81 -0.60 8.11 -3.21
C HIS A 81 -1.94 7.65 -2.64
N THR A 82 -1.98 7.19 -1.38
CA THR A 82 -3.21 6.67 -0.81
C THR A 82 -4.10 7.80 -0.30
N ARG A 83 -5.36 7.46 -0.08
CA ARG A 83 -6.36 8.41 0.41
C ARG A 83 -6.58 8.23 1.90
N SER A 84 -6.83 9.33 2.60
CA SER A 84 -6.90 9.30 4.05
C SER A 84 -8.03 8.39 4.54
N TRP A 85 -9.20 8.46 3.90
CA TRP A 85 -10.33 7.68 4.38
C TRP A 85 -10.02 6.18 4.35
N LEU A 86 -9.20 5.74 3.39
CA LEU A 86 -8.77 4.34 3.39
C LEU A 86 -7.95 4.03 4.63
N TYR A 87 -7.06 4.94 5.02
CA TYR A 87 -6.29 4.76 6.24
C TYR A 87 -7.20 4.66 7.45
N ALA A 88 -8.20 5.52 7.53
CA ALA A 88 -9.14 5.48 8.65
C ALA A 88 -9.89 4.15 8.68
N ALA A 89 -10.33 3.68 7.51
CA ALA A 89 -11.07 2.43 7.45
C ALA A 89 -10.20 1.26 7.91
N CYS A 90 -8.93 1.25 7.51
CA CYS A 90 -8.04 0.21 8.01
C CYS A 90 -7.83 0.34 9.51
N SER A 91 -7.64 1.57 10.00
CA SER A 91 -7.27 1.77 11.39
C SER A 91 -8.40 1.38 12.33
N ILE A 92 -9.66 1.62 11.93
CA ILE A 92 -10.77 1.26 12.81
C ILE A 92 -10.73 -0.25 13.11
N SER A 93 -10.59 -1.06 12.06
CA SER A 93 -10.53 -2.51 12.26
C SER A 93 -9.27 -2.91 13.01
N TYR A 94 -8.14 -2.26 12.71
CA TYR A 94 -6.90 -2.58 13.39
C TYR A 94 -7.03 -2.38 14.90
N LEU A 95 -7.50 -1.21 15.31
CA LEU A 95 -7.63 -0.92 16.73
C LEU A 95 -8.70 -1.80 17.38
N GLY A 96 -9.79 -2.09 16.64
CA GLY A 96 -10.78 -3.00 17.19
C GLY A 96 -10.20 -4.37 17.49
N ALA A 97 -9.45 -4.92 16.54
CA ALA A 97 -8.82 -6.21 16.74
C ALA A 97 -7.89 -6.17 17.95
N MET A 98 -7.02 -5.16 18.01
CA MET A 98 -6.05 -5.10 19.10
C MET A 98 -6.76 -5.01 20.45
N VAL A 99 -7.75 -4.13 20.56
CA VAL A 99 -8.44 -3.93 21.84
C VAL A 99 -9.18 -5.18 22.25
N SER A 100 -9.90 -5.82 21.32
CA SER A 100 -10.63 -7.02 21.67
C SER A 100 -9.70 -8.14 22.11
N SER A 101 -8.60 -8.33 21.37
CA SER A 101 -7.65 -9.37 21.75
C SER A 101 -7.07 -9.09 23.13
N ASN A 102 -6.72 -7.85 23.42
CA ASN A 102 -6.16 -7.51 24.72
C ASN A 102 -7.18 -7.74 25.83
N SER A 103 -8.44 -7.36 25.59
CA SER A 103 -9.46 -7.57 26.61
C SER A 103 -9.75 -9.04 26.82
N ALA A 104 -9.51 -9.87 25.81
CA ALA A 104 -9.78 -11.30 25.96
C ALA A 104 -8.96 -11.91 27.09
N LEU A 105 -7.84 -11.28 27.45
CA LEU A 105 -6.95 -11.85 28.46
C LEU A 105 -7.53 -11.77 29.86
N GLN A 106 -8.61 -11.02 30.07
CA GLN A 106 -9.19 -10.89 31.41
C GLN A 106 -10.01 -12.10 31.83
N PHE A 107 -10.32 -13.01 30.90
CA PHE A 107 -11.11 -14.20 31.21
C PHE A 107 -10.36 -15.48 30.93
N VAL A 108 -9.68 -15.58 29.79
CA VAL A 108 -9.04 -16.82 29.38
C VAL A 108 -7.55 -16.76 29.70
N ASN A 109 -6.91 -17.92 29.68
CA ASN A 109 -5.49 -18.01 29.96
C ASN A 109 -4.67 -17.49 28.80
N TYR A 110 -3.44 -17.07 29.10
CA TYR A 110 -2.58 -16.49 28.07
C TYR A 110 -2.26 -17.47 26.95
N PRO A 111 -1.90 -18.72 27.21
CA PRO A 111 -1.63 -19.64 26.09
C PRO A 111 -2.80 -19.76 25.14
N THR A 112 -4.03 -19.81 25.68
CA THR A 112 -5.20 -19.86 24.82
C THR A 112 -5.31 -18.59 23.98
N GLN A 113 -5.02 -17.42 24.58
CA GLN A 113 -5.10 -16.19 23.82
C GLN A 113 -4.12 -16.18 22.66
N VAL A 114 -2.87 -16.59 22.91
CA VAL A 114 -1.89 -16.57 21.84
C VAL A 114 -2.23 -17.60 20.77
N LEU A 115 -2.71 -18.78 21.18
CA LEU A 115 -3.12 -19.78 20.20
C LEU A 115 -4.24 -19.25 19.33
N GLY A 116 -5.24 -18.59 19.94
CA GLY A 116 -6.32 -18.03 19.15
C GLY A 116 -5.87 -16.93 18.21
N LYS A 117 -4.97 -16.06 18.68
CA LYS A 117 -4.47 -14.99 17.83
C LYS A 117 -3.49 -15.50 16.78
N SER A 118 -3.03 -16.75 16.87
CA SER A 118 -2.13 -17.34 15.89
C SER A 118 -2.87 -18.23 14.89
N CYS A 119 -4.10 -17.86 14.52
CA CYS A 119 -4.93 -18.64 13.61
C CYS A 119 -5.54 -17.73 12.54
N LYS A 120 -4.70 -16.90 11.92
CA LYS A 120 -5.11 -16.00 10.85
C LYS A 120 -5.42 -16.73 9.55
N PRO A 121 -4.76 -17.85 9.25
CA PRO A 121 -5.04 -18.54 7.98
C PRO A 121 -6.51 -18.88 7.77
N ILE A 122 -7.21 -19.32 8.81
CA ILE A 122 -8.61 -19.69 8.68
C ILE A 122 -9.41 -18.48 8.23
N PRO A 123 -9.38 -17.36 8.96
CA PRO A 123 -10.15 -16.19 8.52
C PRO A 123 -9.74 -15.67 7.16
N VAL A 124 -8.45 -15.66 6.85
CA VAL A 124 -8.03 -15.12 5.54
C VAL A 124 -8.55 -16.01 4.42
N MET A 125 -8.46 -17.32 4.58
CA MET A 125 -9.01 -18.22 3.58
C MET A 125 -10.52 -18.04 3.44
N LEU A 126 -11.23 -17.90 4.57
CA LEU A 126 -12.67 -17.74 4.51
C LEU A 126 -13.06 -16.48 3.76
N LEU A 127 -12.43 -15.35 4.09
CA LEU A 127 -12.76 -14.10 3.41
C LEU A 127 -12.39 -14.17 1.93
N GLY A 128 -11.25 -14.79 1.61
CA GLY A 128 -10.87 -14.89 0.21
C GLY A 128 -11.84 -15.71 -0.59
N VAL A 129 -12.30 -16.84 -0.04
CA VAL A 129 -13.26 -17.68 -0.75
C VAL A 129 -14.60 -16.97 -0.89
N THR A 130 -15.06 -16.33 0.18
CA THR A 130 -16.39 -15.73 0.17
C THR A 130 -16.48 -14.60 -0.86
N LEU A 131 -15.45 -13.74 -0.92
CA LEU A 131 -15.49 -12.55 -1.76
C LEU A 131 -14.51 -12.64 -2.93
N LEU A 132 -13.23 -12.88 -2.66
CA LEU A 132 -12.24 -12.92 -3.73
C LEU A 132 -12.40 -14.16 -4.60
N LYS A 133 -13.02 -15.21 -4.09
CA LYS A 133 -13.27 -16.45 -4.83
C LYS A 133 -11.98 -17.11 -5.29
N LYS A 134 -10.84 -16.74 -4.70
CA LYS A 134 -9.58 -17.39 -5.06
C LYS A 134 -9.62 -18.85 -4.64
N LYS A 135 -9.11 -19.72 -5.51
CA LYS A 135 -9.15 -21.16 -5.30
C LYS A 135 -7.76 -21.68 -4.98
N TYR A 136 -7.66 -22.51 -3.95
CA TYR A 136 -6.41 -23.15 -3.54
C TYR A 136 -6.67 -24.64 -3.49
N PRO A 137 -6.51 -25.34 -4.61
CA PRO A 137 -6.87 -26.77 -4.64
C PRO A 137 -6.14 -27.60 -3.58
N LEU A 138 -4.87 -27.29 -3.31
CA LEU A 138 -4.07 -28.05 -2.35
C LEU A 138 -3.55 -27.21 -1.19
N ALA A 139 -3.20 -25.94 -1.42
CA ALA A 139 -2.65 -25.13 -0.34
C ALA A 139 -3.65 -24.97 0.79
N LYS A 140 -4.91 -24.70 0.46
CA LYS A 140 -5.99 -24.59 1.43
C LYS A 140 -6.98 -25.73 1.21
N TYR A 141 -7.84 -25.93 2.21
CA TYR A 141 -8.87 -26.96 2.18
C TYR A 141 -8.27 -28.34 2.36
N LEU A 142 -6.95 -28.45 2.37
CA LEU A 142 -6.25 -29.71 2.52
C LEU A 142 -5.27 -29.71 3.68
N CYS A 143 -4.52 -28.63 3.88
CA CYS A 143 -3.63 -28.50 5.03
C CYS A 143 -4.28 -27.80 6.21
N VAL A 144 -5.48 -27.24 6.02
CA VAL A 144 -6.19 -26.60 7.12
C VAL A 144 -6.71 -27.62 8.11
N LEU A 145 -6.90 -28.87 7.68
CA LEU A 145 -7.34 -29.91 8.60
C LEU A 145 -6.39 -30.04 9.77
N LEU A 146 -5.08 -29.83 9.55
CA LEU A 146 -4.12 -29.90 10.65
C LEU A 146 -4.39 -28.80 11.68
N ILE A 147 -4.65 -27.58 11.21
CA ILE A 147 -4.96 -26.48 12.11
C ILE A 147 -6.24 -26.79 12.88
N VAL A 148 -7.26 -27.29 12.18
CA VAL A 148 -8.53 -27.59 12.83
C VAL A 148 -8.34 -28.67 13.89
N ALA A 149 -7.60 -29.73 13.57
CA ALA A 149 -7.37 -30.80 14.52
C ALA A 149 -6.62 -30.29 15.74
N GLY A 150 -5.58 -29.48 15.52
CA GLY A 150 -4.83 -28.96 16.65
C GLY A 150 -5.67 -28.08 17.56
N VAL A 151 -6.44 -27.17 16.97
CA VAL A 151 -7.27 -26.27 17.77
C VAL A 151 -8.35 -27.06 18.50
N ALA A 152 -8.88 -28.10 17.86
CA ALA A 152 -9.84 -28.96 18.54
C ALA A 152 -9.19 -29.72 19.68
N LEU A 153 -7.91 -30.08 19.53
CA LEU A 153 -7.21 -30.78 20.60
C LEU A 153 -7.01 -29.86 21.80
N PHE A 154 -6.54 -28.63 21.56
CA PHE A 154 -6.20 -27.74 22.67
C PHE A 154 -7.44 -27.13 23.29
N MET A 155 -8.19 -26.33 22.52
CA MET A 155 -9.30 -25.57 23.06
C MET A 155 -10.55 -26.43 23.29
N TYR A 156 -10.67 -27.56 22.60
CA TYR A 156 -11.83 -28.42 22.71
C TYR A 156 -11.43 -29.76 23.34
N LYS A 157 -12.28 -30.27 24.21
CA LYS A 157 -12.02 -31.51 24.93
C LYS A 157 -12.41 -32.68 24.03
N PRO A 158 -12.27 -33.92 24.52
CA PRO A 158 -12.69 -35.07 23.69
C PRO A 158 -14.09 -34.92 23.13
N LYS A 159 -15.08 -34.74 24.01
CA LYS A 159 -16.43 -34.37 23.61
C LYS A 159 -16.90 -33.17 24.43
N LYS A 160 -15.96 -32.34 24.86
CA LYS A 160 -16.21 -31.17 25.70
C LYS A 160 -16.72 -31.54 27.08
N VAL A 161 -16.66 -32.82 27.45
CA VAL A 161 -17.26 -33.27 28.70
C VAL A 161 -16.31 -33.16 29.90
N VAL A 162 -15.01 -33.04 29.67
CA VAL A 162 -14.03 -32.92 30.74
C VAL A 162 -13.15 -31.72 30.45
N GLY A 163 -13.01 -30.83 31.42
CA GLY A 163 -12.22 -29.62 31.27
C GLY A 163 -13.07 -28.36 31.35
N ILE A 164 -13.05 -27.54 30.30
CA ILE A 164 -13.88 -26.35 30.26
C ILE A 164 -15.35 -26.70 30.29
N GLU A 165 -15.71 -27.95 29.97
CA GLU A 165 -17.09 -28.40 29.97
C GLU A 165 -17.83 -27.83 28.77
N GLU A 166 -18.99 -28.42 28.46
CA GLU A 166 -19.77 -28.02 27.29
C GLU A 166 -20.72 -26.88 27.58
N HIS A 167 -20.59 -26.23 28.75
CA HIS A 167 -21.43 -25.09 29.06
C HIS A 167 -21.09 -23.91 28.16
N THR A 168 -22.03 -22.97 28.08
CA THR A 168 -21.84 -21.77 27.28
C THR A 168 -20.50 -21.13 27.59
N VAL A 169 -19.63 -21.04 26.57
CA VAL A 169 -18.30 -20.49 26.78
C VAL A 169 -18.40 -19.07 27.33
N GLY A 170 -17.35 -18.65 28.01
CA GLY A 170 -17.31 -17.30 28.55
C GLY A 170 -17.13 -16.26 27.46
N TYR A 171 -17.28 -14.99 27.86
CA TYR A 171 -17.17 -13.91 26.89
C TYR A 171 -15.77 -13.85 26.28
N GLY A 172 -14.78 -14.49 26.91
CA GLY A 172 -13.43 -14.41 26.39
C GLY A 172 -13.28 -15.04 25.02
N GLU A 173 -13.86 -16.23 24.83
CA GLU A 173 -13.76 -16.89 23.52
C GLU A 173 -14.49 -16.10 22.45
N LEU A 174 -15.64 -15.51 22.79
CA LEU A 174 -16.35 -14.69 21.82
C LEU A 174 -15.52 -13.46 21.45
N LEU A 175 -14.85 -12.85 22.43
CA LEU A 175 -13.97 -11.74 22.13
C LEU A 175 -12.82 -12.18 21.23
N LEU A 176 -12.30 -13.38 21.45
CA LEU A 176 -11.25 -13.91 20.58
C LEU A 176 -11.77 -14.06 19.15
N LEU A 177 -12.98 -14.57 18.99
CA LEU A 177 -13.55 -14.68 17.66
C LEU A 177 -13.68 -13.31 17.01
N LEU A 178 -14.14 -12.31 17.77
CA LEU A 178 -14.25 -10.97 17.23
C LEU A 178 -12.89 -10.44 16.80
N SER A 179 -11.86 -10.68 17.60
CA SER A 179 -10.52 -10.25 17.23
C SER A 179 -10.06 -10.90 15.95
N LEU A 180 -10.31 -12.21 15.80
CA LEU A 180 -9.91 -12.90 14.59
C LEU A 180 -10.62 -12.34 13.37
N THR A 181 -11.92 -12.09 13.48
CA THR A 181 -12.67 -11.53 12.35
C THR A 181 -12.14 -10.15 11.98
N LEU A 182 -11.90 -9.30 12.98
CA LEU A 182 -11.39 -7.97 12.70
C LEU A 182 -10.00 -8.04 12.07
N ASP A 183 -9.17 -8.98 12.52
CA ASP A 183 -7.85 -9.15 11.92
C ASP A 183 -7.97 -9.53 10.46
N GLY A 184 -8.89 -10.45 10.14
CA GLY A 184 -9.10 -10.82 8.75
C GLY A 184 -9.52 -9.64 7.91
N LEU A 185 -10.47 -8.85 8.41
CA LEU A 185 -10.93 -7.68 7.66
C LEU A 185 -9.79 -6.68 7.45
N THR A 186 -8.99 -6.46 8.50
CA THR A 186 -7.87 -5.53 8.37
C THR A 186 -6.88 -6.02 7.33
N GLY A 187 -6.58 -7.32 7.33
CA GLY A 187 -5.70 -7.85 6.32
C GLY A 187 -6.24 -7.66 4.92
N VAL A 188 -7.54 -7.89 4.73
CA VAL A 188 -8.16 -7.68 3.43
C VAL A 188 -7.97 -6.23 2.98
N SER A 189 -8.29 -5.30 3.88
CA SER A 189 -8.22 -3.89 3.52
C SER A 189 -6.78 -3.49 3.18
N GLN A 190 -5.82 -3.94 3.99
CA GLN A 190 -4.43 -3.60 3.73
C GLN A 190 -3.97 -4.16 2.39
N ASP A 191 -4.32 -5.41 2.10
CA ASP A 191 -3.92 -6.01 0.83
C ASP A 191 -4.51 -5.25 -0.35
N HIS A 192 -5.80 -4.92 -0.27
CA HIS A 192 -6.44 -4.20 -1.37
C HIS A 192 -5.79 -2.83 -1.58
N MET A 193 -5.57 -2.11 -0.49
CA MET A 193 -4.96 -0.78 -0.60
C MET A 193 -3.57 -0.87 -1.20
N ARG A 194 -2.76 -1.83 -0.74
CA ARG A 194 -1.42 -1.98 -1.27
C ARG A 194 -1.45 -2.33 -2.75
N ALA A 195 -2.36 -3.22 -3.15
CA ALA A 195 -2.44 -3.64 -4.54
C ALA A 195 -2.85 -2.50 -5.45
N HIS A 196 -3.80 -1.66 -5.00
CA HIS A 196 -4.36 -0.65 -5.89
C HIS A 196 -3.67 0.70 -5.82
N TYR A 197 -2.91 0.99 -4.76
CA TYR A 197 -2.30 2.30 -4.61
C TYR A 197 -0.79 2.26 -4.38
N GLN A 198 -0.19 1.09 -4.19
CA GLN A 198 1.27 0.96 -4.09
C GLN A 198 1.80 1.84 -2.95
N THR A 199 1.40 1.48 -1.73
CA THR A 199 1.77 2.24 -0.54
C THR A 199 2.88 1.51 0.20
N GLY A 200 3.92 2.25 0.61
CA GLY A 200 4.99 1.66 1.37
C GLY A 200 4.57 1.32 2.78
N SER A 201 5.34 0.41 3.39
CA SER A 201 4.99 -0.07 4.72
C SER A 201 5.05 1.05 5.74
N ASN A 202 6.09 1.89 5.68
CA ASN A 202 6.27 2.92 6.69
C ASN A 202 5.11 3.90 6.70
N HIS A 203 4.72 4.39 5.52
CA HIS A 203 3.62 5.35 5.45
C HIS A 203 2.33 4.73 5.96
N MET A 204 2.06 3.49 5.57
CA MET A 204 0.83 2.83 6.01
C MET A 204 0.81 2.68 7.52
N MET A 205 1.91 2.21 8.10
CA MET A 205 1.96 2.03 9.55
C MET A 205 1.77 3.36 10.26
N LEU A 206 2.45 4.40 9.79
CA LEU A 206 2.34 5.70 10.45
C LEU A 206 0.91 6.22 10.39
N ASN A 207 0.28 6.15 9.21
CA ASN A 207 -1.05 6.70 9.06
C ASN A 207 -2.07 5.93 9.89
N ILE A 208 -2.04 4.60 9.82
CA ILE A 208 -3.02 3.82 10.57
C ILE A 208 -2.81 4.01 12.07
N ASN A 209 -1.56 4.10 12.51
CA ASN A 209 -1.30 4.32 13.93
C ASN A 209 -1.82 5.68 14.37
N LEU A 210 -1.63 6.72 13.56
CA LEU A 210 -2.13 8.04 13.93
C LEU A 210 -3.65 8.04 14.02
N TRP A 211 -4.33 7.43 13.03
CA TRP A 211 -5.79 7.39 13.07
C TRP A 211 -6.28 6.62 14.29
N SER A 212 -5.66 5.48 14.58
CA SER A 212 -6.04 4.70 15.74
C SER A 212 -5.80 5.49 17.03
N THR A 213 -4.70 6.23 17.09
CA THR A 213 -4.42 7.04 18.27
C THR A 213 -5.51 8.08 18.49
N LEU A 214 -5.92 8.75 17.42
CA LEU A 214 -6.96 9.76 17.55
C LEU A 214 -8.27 9.13 18.02
N LEU A 215 -8.68 8.05 17.38
CA LEU A 215 -9.93 7.39 17.76
C LEU A 215 -9.89 6.90 19.20
N LEU A 216 -8.77 6.29 19.59
CA LEU A 216 -8.63 5.77 20.95
C LEU A 216 -8.66 6.90 21.97
N GLY A 217 -8.02 8.03 21.66
CA GLY A 217 -8.08 9.16 22.57
C GLY A 217 -9.49 9.65 22.77
N MET A 218 -10.23 9.82 21.67
CA MET A 218 -11.61 10.27 21.81
C MET A 218 -12.43 9.27 22.62
N GLY A 219 -12.25 7.98 22.34
CA GLY A 219 -13.02 6.97 23.08
C GLY A 219 -12.68 6.94 24.55
N ILE A 220 -11.40 6.99 24.88
CA ILE A 220 -10.98 6.93 26.27
C ILE A 220 -11.47 8.16 27.02
N LEU A 221 -11.50 9.32 26.36
CA LEU A 221 -12.01 10.51 27.03
C LEU A 221 -13.52 10.43 27.23
N PHE A 222 -14.25 9.87 26.26
CA PHE A 222 -15.68 9.70 26.46
C PHE A 222 -15.98 8.73 27.59
N THR A 223 -15.24 7.63 27.65
CA THR A 223 -15.49 6.62 28.67
C THR A 223 -15.10 7.10 30.07
N GLY A 224 -14.42 8.24 30.18
CA GLY A 224 -14.04 8.74 31.49
C GLY A 224 -13.06 7.83 32.20
N GLU A 225 -12.08 7.30 31.48
CA GLU A 225 -11.04 6.44 32.05
C GLU A 225 -9.77 7.20 32.38
N LEU A 226 -9.19 7.89 31.40
CA LEU A 226 -7.97 8.66 31.66
C LEU A 226 -8.20 9.65 32.79
N TRP A 227 -9.32 10.36 32.76
CA TRP A 227 -9.66 11.26 33.85
C TRP A 227 -9.82 10.52 35.17
N GLU A 228 -10.04 9.21 35.14
CA GLU A 228 -10.39 8.44 36.33
C GLU A 228 -9.33 7.44 36.76
N PHE A 229 -8.86 6.57 35.86
CA PHE A 229 -8.13 5.39 36.30
C PHE A 229 -6.77 5.73 36.92
N LEU A 230 -6.31 6.97 36.79
CA LEU A 230 -4.98 7.30 37.29
C LEU A 230 -4.84 7.03 38.79
N SER A 231 -5.96 6.95 39.52
CA SER A 231 -5.88 6.55 40.91
C SER A 231 -5.31 5.14 41.03
N PHE A 232 -5.67 4.24 40.12
CA PHE A 232 -5.11 2.90 40.13
C PHE A 232 -3.59 2.95 40.02
N ALA A 233 -3.07 3.70 39.05
CA ALA A 233 -1.62 3.83 38.92
C ALA A 233 -1.03 4.43 40.18
N GLU A 234 -1.70 5.43 40.76
CA GLU A 234 -1.20 6.05 41.98
C GLU A 234 -1.03 5.01 43.08
N ARG A 235 -2.01 4.13 43.24
CA ARG A 235 -1.93 3.11 44.28
C ARG A 235 -0.74 2.19 44.05
N TYR A 236 -0.45 1.85 42.79
CA TYR A 236 0.67 1.00 42.44
C TYR A 236 1.47 1.71 41.36
N PRO A 237 2.33 2.65 41.72
CA PRO A 237 3.02 3.46 40.70
C PRO A 237 3.87 2.64 39.74
N ALA A 238 4.26 1.42 40.13
CA ALA A 238 5.14 0.63 39.28
C ALA A 238 4.55 0.43 37.89
N ILE A 239 3.22 0.25 37.80
CA ILE A 239 2.62 -0.03 36.50
C ILE A 239 2.92 1.10 35.52
N ILE A 240 3.22 2.30 36.03
CA ILE A 240 3.52 3.41 35.13
C ILE A 240 4.73 3.09 34.27
N TYR A 241 5.77 2.52 34.88
CA TYR A 241 6.98 2.22 34.14
C TYR A 241 6.80 1.01 33.24
N ASN A 242 6.41 -0.13 33.82
CA ASN A 242 6.40 -1.38 33.08
C ASN A 242 5.65 -1.24 31.77
N ILE A 243 4.42 -0.71 31.82
CA ILE A 243 3.60 -0.63 30.62
C ILE A 243 4.37 0.10 29.52
N LEU A 244 4.98 1.23 29.86
CA LEU A 244 5.73 1.99 28.85
C LEU A 244 6.72 1.08 28.15
N LEU A 245 7.55 0.38 28.92
CA LEU A 245 8.53 -0.51 28.32
C LEU A 245 7.86 -1.43 27.32
N PHE A 246 6.78 -2.07 27.74
CA PHE A 246 6.05 -2.97 26.84
C PHE A 246 5.86 -2.31 25.50
N GLY A 247 5.21 -1.14 25.48
CA GLY A 247 4.94 -0.48 24.21
C GLY A 247 6.20 -0.32 23.39
N LEU A 248 7.26 0.20 24.00
CA LEU A 248 8.49 0.43 23.27
C LEU A 248 8.92 -0.82 22.52
N THR A 249 8.90 -1.97 23.21
CA THR A 249 9.37 -3.19 22.58
C THR A 249 8.68 -3.40 21.25
N SER A 250 7.34 -3.31 21.23
CA SER A 250 6.61 -3.54 20.00
C SER A 250 7.18 -2.71 18.87
N ALA A 251 7.34 -1.40 19.10
CA ALA A 251 7.85 -0.53 18.06
C ALA A 251 9.16 -1.06 17.51
N LEU A 252 10.10 -1.37 18.39
CA LEU A 252 11.40 -1.85 17.94
C LEU A 252 11.23 -3.04 16.99
N GLY A 253 10.37 -3.97 17.36
CA GLY A 253 10.17 -5.13 16.51
C GLY A 253 9.83 -4.73 15.09
N GLN A 254 8.87 -3.83 14.94
CA GLN A 254 8.49 -3.39 13.59
C GLN A 254 9.72 -2.94 12.82
N SER A 255 10.53 -2.09 13.44
CA SER A 255 11.73 -1.61 12.76
C SER A 255 12.58 -2.80 12.31
N PHE A 256 12.88 -3.71 13.23
CA PHE A 256 13.70 -4.86 12.85
C PHE A 256 13.01 -5.67 11.77
N ILE A 257 11.68 -5.77 11.84
CA ILE A 257 10.95 -6.52 10.82
C ILE A 257 11.25 -5.94 9.44
N PHE A 258 11.32 -4.62 9.33
CA PHE A 258 11.62 -4.00 8.05
C PHE A 258 12.89 -4.59 7.45
N MET A 259 13.92 -4.78 8.29
CA MET A 259 15.16 -5.38 7.80
C MET A 259 14.87 -6.72 7.14
N THR A 260 14.14 -7.60 7.84
CA THR A 260 13.84 -8.90 7.28
C THR A 260 13.08 -8.78 5.98
N VAL A 261 12.27 -7.73 5.83
CA VAL A 261 11.55 -7.53 4.57
C VAL A 261 12.53 -7.27 3.44
N VAL A 262 13.55 -6.46 3.68
CA VAL A 262 14.52 -6.12 2.64
C VAL A 262 15.64 -7.14 2.54
N TYR A 263 15.93 -7.88 3.61
CA TYR A 263 17.02 -8.84 3.64
C TYR A 263 16.45 -10.24 3.75
N PHE A 264 16.80 -11.10 2.79
CA PHE A 264 16.49 -12.54 2.79
C PHE A 264 15.00 -12.83 2.65
N GLY A 265 14.19 -11.85 2.28
CA GLY A 265 12.79 -12.09 1.96
C GLY A 265 11.92 -12.24 3.20
N PRO A 266 10.62 -12.46 2.98
CA PRO A 266 9.67 -12.57 4.11
C PRO A 266 9.49 -13.97 4.66
N LEU A 267 9.93 -15.01 3.95
CA LEU A 267 9.81 -16.36 4.49
C LEU A 267 10.60 -16.51 5.79
N THR A 268 11.79 -15.90 5.84
CA THR A 268 12.57 -15.93 7.06
C THR A 268 11.82 -15.27 8.21
N CYS A 269 11.21 -14.12 7.95
CA CYS A 269 10.46 -13.44 9.00
C CYS A 269 9.27 -14.28 9.46
N SER A 270 8.60 -14.95 8.52
CA SER A 270 7.46 -15.79 8.88
C SER A 270 7.89 -16.94 9.78
N ILE A 271 8.97 -17.63 9.40
CA ILE A 271 9.42 -18.75 10.21
C ILE A 271 9.90 -18.27 11.58
N ILE A 272 10.55 -17.10 11.60
CA ILE A 272 11.00 -16.54 12.88
C ILE A 272 9.79 -16.23 13.76
N THR A 273 8.72 -15.68 13.18
CA THR A 273 7.53 -15.39 13.95
C THR A 273 6.91 -16.67 14.50
N THR A 274 6.85 -17.72 13.68
CA THR A 274 6.26 -18.98 14.15
C THR A 274 7.07 -19.57 15.31
N THR A 275 8.39 -19.64 15.15
CA THR A 275 9.22 -20.19 16.22
C THR A 275 9.17 -19.31 17.46
N ARG A 276 9.07 -17.99 17.28
CA ARG A 276 8.93 -17.10 18.43
C ARG A 276 7.63 -17.37 19.16
N LYS A 277 6.54 -17.59 18.43
CA LYS A 277 5.27 -17.89 19.07
C LYS A 277 5.36 -19.19 19.87
N PHE A 278 5.98 -20.22 19.29
CA PHE A 278 6.14 -21.47 20.02
C PHE A 278 6.99 -21.26 21.27
N PHE A 279 8.08 -20.50 21.16
CA PHE A 279 8.92 -20.22 22.31
C PHE A 279 8.16 -19.45 23.38
N THR A 280 7.30 -18.52 22.96
CA THR A 280 6.50 -17.77 23.93
C THR A 280 5.52 -18.68 24.65
N ILE A 281 4.91 -19.61 23.93
CA ILE A 281 4.04 -20.60 24.59
C ILE A 281 4.84 -21.37 25.62
N LEU A 282 6.02 -21.85 25.23
CA LEU A 282 6.84 -22.63 26.16
C LEU A 282 7.20 -21.82 27.40
N ALA A 283 7.58 -20.56 27.20
CA ALA A 283 7.98 -19.71 28.32
C ALA A 283 6.79 -19.47 29.24
N SER A 284 5.64 -19.12 28.68
CA SER A 284 4.47 -18.82 29.50
C SER A 284 3.93 -20.05 30.20
N VAL A 285 4.25 -21.25 29.71
CA VAL A 285 3.85 -22.46 30.42
C VAL A 285 4.91 -22.97 31.39
N ILE A 286 6.15 -22.52 31.25
CA ILE A 286 7.24 -22.99 32.11
C ILE A 286 7.67 -21.96 33.15
N LEU A 287 7.42 -20.68 32.93
CA LEU A 287 7.83 -19.64 33.88
C LEU A 287 6.72 -19.30 34.86
N PHE A 288 5.58 -18.85 34.36
CA PHE A 288 4.49 -18.38 35.21
C PHE A 288 3.61 -19.51 35.72
N ALA A 289 3.91 -20.76 35.38
CA ALA A 289 3.21 -21.92 35.93
C ALA A 289 1.72 -21.85 35.63
N ASN A 290 1.39 -21.94 34.35
CA ASN A 290 0.01 -22.03 33.90
C ASN A 290 -0.24 -23.43 33.36
N PRO A 291 -0.45 -24.43 34.24
CA PRO A 291 -0.50 -25.82 33.80
C PRO A 291 -1.30 -26.04 32.53
N ILE A 292 -0.80 -26.93 31.66
CA ILE A 292 -1.47 -27.31 30.43
C ILE A 292 -1.78 -28.79 30.53
N SER A 293 -3.07 -29.13 30.47
CA SER A 293 -3.50 -30.50 30.71
C SER A 293 -2.85 -31.44 29.71
N PRO A 294 -2.86 -32.75 30.00
CA PRO A 294 -2.31 -33.72 29.04
C PRO A 294 -3.09 -33.71 27.74
N MET A 295 -2.65 -34.50 26.76
CA MET A 295 -3.26 -34.55 25.43
C MET A 295 -3.56 -33.16 24.91
N GLN A 296 -2.76 -32.18 25.32
CA GLN A 296 -2.96 -30.79 24.93
C GLN A 296 -1.75 -30.23 24.18
N TRP A 297 -0.54 -30.46 24.69
CA TRP A 297 0.65 -29.99 23.99
C TRP A 297 0.65 -30.50 22.55
N VAL A 298 0.14 -31.70 22.34
CA VAL A 298 0.04 -32.23 20.97
C VAL A 298 -0.80 -31.30 20.11
N GLY A 299 -1.79 -30.63 20.69
CA GLY A 299 -2.59 -29.70 19.92
C GLY A 299 -1.79 -28.50 19.45
N THR A 300 -0.97 -27.93 20.34
CA THR A 300 -0.09 -26.84 19.92
C THR A 300 0.87 -27.33 18.85
N VAL A 301 1.38 -28.55 19.00
CA VAL A 301 2.29 -29.12 18.00
C VAL A 301 1.59 -29.20 16.65
N LEU A 302 0.35 -29.69 16.64
CA LEU A 302 -0.38 -29.84 15.38
C LEU A 302 -0.62 -28.47 14.73
N VAL A 303 -1.04 -27.49 15.53
CA VAL A 303 -1.33 -26.18 14.96
C VAL A 303 -0.06 -25.56 14.38
N PHE A 304 1.04 -25.62 15.13
CA PHE A 304 2.28 -25.02 14.64
C PHE A 304 2.81 -25.76 13.42
N LEU A 305 2.70 -27.09 13.40
CA LEU A 305 3.14 -27.85 12.24
C LEU A 305 2.32 -27.49 11.01
N GLY A 306 1.00 -27.35 11.16
CA GLY A 306 0.19 -26.93 10.04
C GLY A 306 0.55 -25.55 9.55
N LEU A 307 0.76 -24.61 10.47
CA LEU A 307 1.14 -23.26 10.08
C LEU A 307 2.46 -23.27 9.32
N GLY A 308 3.45 -24.01 9.82
CA GLY A 308 4.74 -24.07 9.15
C GLY A 308 4.65 -24.72 7.78
N LEU A 309 3.86 -25.80 7.67
CA LEU A 309 3.68 -26.44 6.38
C LEU A 309 3.03 -25.50 5.38
N ASP A 310 2.02 -24.74 5.82
CA ASP A 310 1.41 -23.76 4.93
C ASP A 310 2.42 -22.70 4.51
N ALA A 311 3.23 -22.23 5.47
CA ALA A 311 4.27 -21.25 5.12
C ALA A 311 5.35 -21.85 4.23
N LYS A 312 5.44 -23.17 4.15
CA LYS A 312 6.45 -23.85 3.34
C LYS A 312 5.88 -24.37 2.03
N PHE A 313 4.75 -25.05 2.09
CA PHE A 313 4.11 -25.64 0.92
C PHE A 313 2.83 -24.87 0.60
N GLY A 314 2.64 -24.56 -0.67
CA GLY A 314 1.44 -23.84 -1.08
C GLY A 314 1.34 -22.45 -0.50
N LYS A 315 2.45 -21.71 -0.48
CA LYS A 315 2.47 -20.33 0.00
C LYS A 315 2.53 -19.38 -1.18
N GLY A 316 1.64 -18.40 -1.21
CA GLY A 316 1.60 -17.43 -2.28
C GLY A 316 2.87 -16.61 -2.39
N ASP B 1 16.99 4.37 -15.46
CA ASP B 1 15.50 4.32 -15.59
C ASP B 1 15.09 3.29 -16.64
N ILE B 2 13.80 2.98 -16.68
CA ILE B 2 13.30 1.99 -17.62
C ILE B 2 13.24 2.59 -19.02
N VAL B 3 13.66 1.80 -20.01
CA VAL B 3 13.67 2.23 -21.41
C VAL B 3 12.64 1.37 -22.14
N MET B 4 11.46 1.94 -22.38
CA MET B 4 10.40 1.21 -23.06
C MET B 4 10.72 1.12 -24.55
N THR B 5 10.41 -0.02 -25.15
CA THR B 5 10.71 -0.30 -26.54
C THR B 5 9.45 -0.80 -27.25
N GLN B 6 9.16 -0.23 -28.41
CA GLN B 6 8.07 -0.67 -29.26
C GLN B 6 8.66 -1.23 -30.55
N SER B 7 8.43 -2.53 -30.78
CA SER B 7 9.09 -3.19 -31.91
C SER B 7 8.49 -2.77 -33.25
N PRO B 8 7.19 -2.94 -33.49
CA PRO B 8 6.65 -2.57 -34.81
C PRO B 8 6.58 -1.08 -35.02
N ALA B 9 7.48 -0.54 -35.86
CA ALA B 9 7.50 0.90 -36.09
C ALA B 9 6.21 1.38 -36.74
N SER B 10 5.73 0.66 -37.75
CA SER B 10 4.50 1.01 -38.45
C SER B 10 3.88 -0.26 -39.01
N LEU B 11 2.59 -0.19 -39.31
CA LEU B 11 1.85 -1.35 -39.76
C LEU B 11 0.80 -0.94 -40.80
N THR B 12 0.37 -1.92 -41.59
CA THR B 12 -0.64 -1.71 -42.62
C THR B 12 -1.73 -2.76 -42.46
N VAL B 13 -2.99 -2.31 -42.47
CA VAL B 13 -4.12 -3.19 -42.19
C VAL B 13 -5.33 -2.74 -43.01
N SER B 14 -6.23 -3.69 -43.27
CA SER B 14 -7.51 -3.40 -43.90
C SER B 14 -8.58 -3.35 -42.82
N LEU B 15 -9.84 -3.26 -43.23
CA LEU B 15 -10.96 -3.08 -42.31
C LEU B 15 -11.59 -4.46 -42.06
N GLY B 16 -11.29 -5.03 -40.90
CA GLY B 16 -11.70 -6.40 -40.60
C GLY B 16 -10.52 -7.31 -40.28
N GLN B 17 -9.44 -6.73 -39.78
CA GLN B 17 -8.24 -7.46 -39.42
C GLN B 17 -7.87 -7.16 -37.98
N SER B 18 -7.29 -8.17 -37.33
CA SER B 18 -6.86 -8.05 -35.95
C SER B 18 -5.50 -7.37 -35.90
N VAL B 19 -5.41 -6.29 -35.14
CA VAL B 19 -4.18 -5.51 -34.99
C VAL B 19 -3.69 -5.65 -33.56
N THR B 20 -2.41 -6.00 -33.42
CA THR B 20 -1.79 -6.17 -32.11
C THR B 20 -0.48 -5.40 -32.09
N ILE B 21 -0.31 -4.56 -31.07
CA ILE B 21 0.87 -3.71 -30.91
C ILE B 21 1.60 -4.14 -29.65
N SER B 22 2.90 -4.39 -29.77
CA SER B 22 3.71 -4.89 -28.68
C SER B 22 4.42 -3.76 -27.95
N CYS B 23 4.82 -4.03 -26.71
CA CYS B 23 5.58 -3.08 -25.90
C CYS B 23 6.40 -3.85 -24.89
N ARG B 24 7.64 -3.42 -24.68
CA ARG B 24 8.58 -4.10 -23.80
C ARG B 24 9.23 -3.10 -22.86
N ALA B 25 9.60 -3.57 -21.67
CA ALA B 25 10.29 -2.76 -20.69
C ALA B 25 11.57 -3.47 -20.25
N SER B 26 12.58 -2.67 -19.89
CA SER B 26 13.86 -3.23 -19.50
C SER B 26 13.85 -3.82 -18.10
N GLU B 27 12.88 -3.45 -17.27
CA GLU B 27 12.76 -3.97 -15.92
C GLU B 27 11.31 -4.35 -15.65
N ASN B 28 11.13 -5.30 -14.73
CA ASN B 28 9.80 -5.74 -14.38
C ASN B 28 8.97 -4.58 -13.86
N VAL B 29 7.73 -4.49 -14.31
CA VAL B 29 6.87 -3.35 -14.02
C VAL B 29 5.61 -3.79 -13.29
N GLU B 30 5.71 -4.85 -12.49
CA GLU B 30 4.61 -5.31 -11.67
C GLU B 30 4.96 -5.13 -10.20
N TYR B 31 3.98 -4.66 -9.42
CA TYR B 31 4.18 -4.35 -8.01
C TYR B 31 3.05 -5.00 -7.22
N TYR B 32 3.37 -6.01 -6.43
CA TYR B 32 2.37 -6.75 -5.66
C TYR B 32 1.30 -7.33 -6.57
N GLY B 33 1.72 -7.84 -7.72
CA GLY B 33 0.82 -8.53 -8.63
C GLY B 33 0.08 -7.64 -9.61
N THR B 34 0.23 -6.33 -9.52
CA THR B 34 -0.45 -5.40 -10.41
C THR B 34 0.56 -4.82 -11.39
N SER B 35 0.19 -4.80 -12.67
CA SER B 35 1.06 -4.29 -13.72
C SER B 35 0.75 -2.82 -13.96
N LEU B 36 1.78 -1.98 -13.95
CA LEU B 36 1.63 -0.54 -14.12
C LEU B 36 1.95 -0.18 -15.56
N MET B 37 0.94 -0.32 -16.42
CA MET B 37 1.06 -0.03 -17.85
C MET B 37 -0.14 0.80 -18.29
N GLN B 38 0.14 1.84 -19.08
CA GLN B 38 -0.90 2.70 -19.64
C GLN B 38 -0.74 2.74 -21.16
N TRP B 39 -1.85 2.85 -21.86
CA TRP B 39 -1.86 2.96 -23.31
C TRP B 39 -2.67 4.16 -23.72
N TYR B 40 -2.09 5.02 -24.56
CA TYR B 40 -2.72 6.23 -25.06
C TYR B 40 -2.75 6.20 -26.59
N GLN B 41 -3.72 6.93 -27.15
CA GLN B 41 -3.87 7.09 -28.60
C GLN B 41 -3.84 8.58 -28.94
N GLN B 42 -3.11 8.92 -30.00
CA GLN B 42 -2.96 10.29 -30.45
C GLN B 42 -3.18 10.37 -31.95
N LYS B 43 -4.24 11.07 -32.34
CA LYS B 43 -4.47 11.40 -33.74
C LYS B 43 -3.52 12.51 -34.17
N PRO B 44 -3.31 12.67 -35.47
CA PRO B 44 -2.42 13.75 -35.93
C PRO B 44 -2.93 15.12 -35.48
N GLY B 45 -1.99 15.96 -35.05
CA GLY B 45 -2.34 17.31 -34.66
C GLY B 45 -3.28 17.41 -33.47
N GLN B 46 -3.34 16.38 -32.64
CA GLN B 46 -4.22 16.37 -31.47
C GLN B 46 -3.47 15.85 -30.26
N PRO B 47 -3.88 16.22 -29.05
CA PRO B 47 -3.25 15.69 -27.86
C PRO B 47 -3.58 14.21 -27.69
N PRO B 48 -2.71 13.45 -27.04
CA PRO B 48 -3.00 12.02 -26.84
C PRO B 48 -4.28 11.82 -26.05
N LYS B 49 -4.95 10.72 -26.33
CA LYS B 49 -6.19 10.35 -25.65
C LYS B 49 -5.94 9.11 -24.79
N PHE B 50 -6.32 9.21 -23.52
CA PHE B 50 -6.10 8.10 -22.59
C PHE B 50 -7.03 6.94 -22.92
N LEU B 51 -6.46 5.75 -23.09
CA LEU B 51 -7.20 4.58 -23.54
C LEU B 51 -7.28 3.50 -22.48
N ILE B 52 -6.14 2.99 -22.00
CA ILE B 52 -6.13 1.81 -21.14
C ILE B 52 -5.21 2.04 -19.96
N TYR B 53 -5.64 1.56 -18.78
CA TYR B 53 -4.82 1.56 -17.58
C TYR B 53 -4.80 0.15 -17.00
N GLY B 54 -3.65 -0.24 -16.46
CA GLY B 54 -3.48 -1.55 -15.88
C GLY B 54 -3.24 -2.67 -16.87
N ALA B 55 -3.19 -2.36 -18.17
CA ALA B 55 -2.90 -3.35 -19.20
C ALA B 55 -4.06 -4.29 -19.45
N SER B 56 -5.13 -4.16 -18.67
CA SER B 56 -6.30 -5.02 -18.83
C SER B 56 -7.63 -4.32 -18.64
N ASN B 57 -7.67 -3.12 -18.06
CA ASN B 57 -8.91 -2.42 -17.79
C ASN B 57 -9.14 -1.34 -18.84
N ILE B 58 -10.31 -1.36 -19.47
CA ILE B 58 -10.66 -0.40 -20.49
C ILE B 58 -11.28 0.82 -19.82
N GLU B 59 -10.73 2.00 -20.11
CA GLU B 59 -11.28 3.23 -19.56
C GLU B 59 -12.73 3.42 -20.00
N SER B 60 -13.55 3.94 -19.08
CA SER B 60 -14.94 4.19 -19.41
C SER B 60 -15.07 5.09 -20.61
N GLY B 61 -15.98 4.73 -21.52
CA GLY B 61 -16.19 5.47 -22.74
C GLY B 61 -15.40 4.95 -23.93
N VAL B 62 -14.36 4.17 -23.70
CA VAL B 62 -13.61 3.57 -24.80
C VAL B 62 -14.42 2.41 -25.38
N PRO B 63 -14.54 2.30 -26.70
CA PRO B 63 -15.33 1.19 -27.26
C PRO B 63 -14.77 -0.17 -26.85
N ALA B 64 -15.67 -1.15 -26.76
CA ALA B 64 -15.29 -2.47 -26.24
C ALA B 64 -14.27 -3.19 -27.10
N ARG B 65 -14.06 -2.74 -28.35
CA ARG B 65 -13.14 -3.45 -29.23
C ARG B 65 -11.74 -3.48 -28.65
N PHE B 66 -11.27 -2.36 -28.09
CA PHE B 66 -9.92 -2.30 -27.56
C PHE B 66 -9.76 -3.27 -26.40
N SER B 67 -8.56 -3.86 -26.28
CA SER B 67 -8.26 -4.72 -25.15
C SER B 67 -6.76 -4.75 -24.96
N GLY B 68 -6.33 -5.20 -23.78
CA GLY B 68 -4.93 -5.32 -23.46
C GLY B 68 -4.63 -6.67 -22.84
N SER B 69 -3.36 -7.05 -22.92
CA SER B 69 -2.92 -8.32 -22.35
C SER B 69 -1.42 -8.25 -22.12
N GLY B 70 -0.90 -9.24 -21.41
CA GLY B 70 0.51 -9.35 -21.13
C GLY B 70 0.82 -9.16 -19.66
N SER B 71 2.09 -9.28 -19.34
CA SER B 71 2.57 -9.20 -17.96
C SER B 71 4.09 -9.15 -17.99
N GLY B 72 4.71 -9.18 -16.82
CA GLY B 72 6.15 -9.14 -16.73
C GLY B 72 6.72 -7.92 -17.43
N THR B 73 7.51 -8.16 -18.48
CA THR B 73 8.10 -7.08 -19.27
C THR B 73 7.61 -7.11 -20.72
N ASP B 74 6.49 -7.77 -20.99
CA ASP B 74 5.93 -7.84 -22.34
C ASP B 74 4.44 -7.59 -22.26
N PHE B 75 3.96 -6.60 -23.02
CA PHE B 75 2.54 -6.26 -23.06
C PHE B 75 2.12 -6.06 -24.51
N SER B 76 0.82 -6.21 -24.76
CA SER B 76 0.29 -6.10 -26.10
C SER B 76 -1.12 -5.55 -26.06
N LEU B 77 -1.39 -4.59 -26.95
CA LEU B 77 -2.70 -3.99 -27.11
C LEU B 77 -3.33 -4.52 -28.38
N ASN B 78 -4.58 -5.01 -28.27
CA ASN B 78 -5.23 -5.74 -29.35
C ASN B 78 -6.58 -5.11 -29.68
N ILE B 79 -6.81 -4.87 -30.97
CA ILE B 79 -8.11 -4.47 -31.49
C ILE B 79 -8.45 -5.40 -32.65
N HIS B 80 -9.52 -6.18 -32.50
CA HIS B 80 -9.86 -7.08 -33.60
C HIS B 80 -10.56 -6.34 -34.73
N PRO B 81 -11.70 -5.67 -34.48
CA PRO B 81 -12.41 -5.01 -35.60
C PRO B 81 -12.01 -3.55 -35.80
N VAL B 82 -10.83 -3.32 -36.37
CA VAL B 82 -10.40 -1.95 -36.62
C VAL B 82 -11.35 -1.29 -37.60
N GLU B 83 -11.72 -0.04 -37.30
CA GLU B 83 -12.64 0.74 -38.11
C GLU B 83 -11.91 2.00 -38.61
N GLU B 84 -12.66 2.89 -39.25
CA GLU B 84 -12.07 4.14 -39.71
C GLU B 84 -11.70 5.05 -38.55
N ASP B 85 -12.40 4.93 -37.43
CA ASP B 85 -12.18 5.85 -36.30
C ASP B 85 -10.77 5.69 -35.73
N ASP B 86 -10.30 4.46 -35.60
CA ASP B 86 -9.05 4.19 -34.88
C ASP B 86 -7.90 4.07 -35.88
N ILE B 87 -7.41 5.23 -36.31
CA ILE B 87 -6.22 5.35 -37.15
C ILE B 87 -5.40 6.48 -36.54
N ALA B 88 -4.35 6.14 -35.81
CA ALA B 88 -3.60 7.12 -35.03
C ALA B 88 -2.31 6.45 -34.56
N MET B 89 -1.58 7.14 -33.69
CA MET B 89 -0.36 6.61 -33.11
C MET B 89 -0.60 6.22 -31.66
N TYR B 90 -0.16 5.01 -31.30
CA TYR B 90 -0.41 4.44 -29.98
C TYR B 90 0.87 4.41 -29.18
N PHE B 91 0.80 4.90 -27.94
CA PHE B 91 1.95 4.98 -27.04
C PHE B 91 1.70 4.12 -25.82
N CYS B 92 2.75 3.44 -25.35
CA CYS B 92 2.72 2.67 -24.11
C CYS B 92 3.64 3.33 -23.10
N GLN B 93 3.15 3.46 -21.86
CA GLN B 93 3.85 4.20 -20.81
C GLN B 93 3.85 3.37 -19.53
N GLN B 94 4.94 3.50 -18.76
CA GLN B 94 5.09 2.80 -17.51
C GLN B 94 5.16 3.80 -16.36
N SER B 95 4.70 3.38 -15.19
CA SER B 95 4.66 4.22 -14.01
C SER B 95 5.24 3.48 -12.80
N ARG B 96 6.27 2.66 -13.04
CA ARG B 96 6.89 1.93 -11.94
C ARG B 96 7.81 2.81 -11.11
N LYS B 97 8.48 3.77 -11.74
CA LYS B 97 9.41 4.64 -11.05
C LYS B 97 9.10 6.10 -11.38
N VAL B 98 9.72 7.01 -10.63
CA VAL B 98 9.38 8.43 -10.76
C VAL B 98 9.57 8.94 -12.18
N PRO B 99 10.64 8.60 -12.91
CA PRO B 99 10.78 9.20 -14.24
C PRO B 99 9.94 8.46 -15.28
N TYR B 100 8.65 8.80 -15.31
CA TYR B 100 7.74 8.16 -16.25
C TYR B 100 8.22 8.38 -17.67
N THR B 101 8.18 7.31 -18.47
CA THR B 101 8.70 7.34 -19.83
C THR B 101 7.65 6.83 -20.80
N PHE B 102 7.73 7.32 -22.03
CA PHE B 102 6.87 6.89 -23.11
C PHE B 102 7.72 6.24 -24.21
N GLY B 103 7.12 5.29 -24.92
CA GLY B 103 7.81 4.63 -26.00
C GLY B 103 7.93 5.51 -27.23
N SER B 104 8.68 5.01 -28.21
CA SER B 104 8.83 5.72 -29.47
C SER B 104 7.51 5.82 -30.23
N GLY B 105 6.56 4.95 -29.95
CA GLY B 105 5.26 5.02 -30.60
C GLY B 105 5.21 4.22 -31.87
N THR B 106 4.01 3.74 -32.20
CA THR B 106 3.76 2.98 -33.42
C THR B 106 2.62 3.62 -34.19
N LYS B 107 2.79 3.72 -35.51
CA LYS B 107 1.82 4.36 -36.38
C LYS B 107 1.06 3.31 -37.16
N LEU B 108 -0.27 3.43 -37.16
CA LEU B 108 -1.16 2.51 -37.84
C LEU B 108 -1.87 3.24 -38.97
N GLU B 109 -1.86 2.65 -40.16
CA GLU B 109 -2.48 3.26 -41.32
C GLU B 109 -3.20 2.20 -42.14
N ILE B 110 -4.29 2.60 -42.79
CA ILE B 110 -5.04 1.71 -43.67
C ILE B 110 -4.39 1.72 -45.03
N LYS B 111 -4.18 0.54 -45.61
CA LYS B 111 -3.54 0.45 -46.90
C LYS B 111 -4.36 1.15 -47.97
N GLY B 112 -3.67 1.78 -48.92
CA GLY B 112 -4.28 2.50 -50.01
C GLY B 112 -4.26 4.00 -49.85
N SER B 113 -4.02 4.50 -48.64
CA SER B 113 -4.00 5.94 -48.40
C SER B 113 -2.71 6.56 -48.93
N SER B 485 -18.94 23.82 -19.17
CA SER B 485 -18.61 24.34 -17.85
C SER B 485 -18.36 23.20 -16.87
N GLY B 486 -19.22 22.17 -16.92
CA GLY B 486 -19.06 21.04 -16.03
C GLY B 486 -17.73 20.33 -16.18
N GLU B 487 -17.14 20.36 -17.36
CA GLU B 487 -15.86 19.75 -17.62
C GLU B 487 -14.74 20.77 -17.41
N VAL B 488 -13.58 20.26 -17.02
CA VAL B 488 -12.41 21.10 -16.79
C VAL B 488 -11.76 21.40 -18.14
N GLN B 489 -11.51 22.68 -18.40
CA GLN B 489 -10.84 23.12 -19.62
C GLN B 489 -9.47 23.67 -19.26
N LEU B 490 -8.45 23.19 -19.96
CA LEU B 490 -7.07 23.62 -19.77
C LEU B 490 -6.59 24.36 -21.00
N GLN B 491 -5.97 25.52 -20.80
CA GLN B 491 -5.45 26.33 -21.91
C GLN B 491 -4.03 26.75 -21.58
N GLU B 492 -3.14 26.59 -22.56
CA GLU B 492 -1.73 26.95 -22.40
C GLU B 492 -1.46 28.32 -23.00
N SER B 493 -0.37 28.93 -22.54
CA SER B 493 0.06 30.21 -23.10
C SER B 493 1.53 30.40 -22.79
N GLY B 494 2.19 31.24 -23.60
CA GLY B 494 3.59 31.52 -23.44
C GLY B 494 4.21 32.10 -24.70
N PRO B 495 5.50 32.41 -24.64
CA PRO B 495 6.18 32.97 -25.82
C PRO B 495 6.34 31.92 -26.92
N GLY B 496 6.50 32.42 -28.13
CA GLY B 496 6.63 31.55 -29.29
C GLY B 496 8.06 31.34 -29.72
N LEU B 497 8.84 32.41 -29.80
CA LEU B 497 10.22 32.37 -30.26
C LEU B 497 11.13 32.99 -29.21
N VAL B 498 12.23 32.33 -28.92
CA VAL B 498 13.18 32.79 -27.91
C VAL B 498 14.58 32.32 -28.29
N LYS B 499 15.57 33.19 -28.08
CA LYS B 499 16.97 32.86 -28.32
C LYS B 499 17.51 32.00 -27.18
N PRO B 500 18.49 31.14 -27.45
CA PRO B 500 19.07 30.33 -26.38
C PRO B 500 19.66 31.21 -25.29
N SER B 501 20.05 30.56 -24.19
CA SER B 501 20.65 31.23 -23.05
C SER B 501 19.77 32.36 -22.53
N GLN B 502 18.45 32.14 -22.49
CA GLN B 502 17.52 33.07 -21.89
C GLN B 502 16.40 32.29 -21.21
N SER B 503 16.07 32.70 -19.99
CA SER B 503 15.04 32.02 -19.21
C SER B 503 13.67 32.20 -19.85
N LEU B 504 12.82 31.19 -19.69
CA LEU B 504 11.50 31.15 -20.33
C LEU B 504 10.46 30.75 -19.32
N SER B 505 9.22 31.22 -19.53
CA SER B 505 8.11 30.89 -18.66
C SER B 505 6.89 30.52 -19.51
N LEU B 506 6.13 29.53 -19.04
CA LEU B 506 4.89 29.12 -19.67
C LEU B 506 3.80 28.98 -18.62
N THR B 507 2.57 29.30 -19.01
CA THR B 507 1.43 29.32 -18.11
C THR B 507 0.38 28.33 -18.59
N CYS B 508 -0.30 27.67 -17.64
CA CYS B 508 -1.46 26.86 -17.93
C CYS B 508 -2.60 27.31 -17.03
N SER B 509 -3.73 27.64 -17.64
CA SER B 509 -4.91 28.14 -16.95
C SER B 509 -6.01 27.10 -17.00
N VAL B 510 -6.72 26.93 -15.89
CA VAL B 510 -7.76 25.92 -15.74
C VAL B 510 -9.07 26.61 -15.42
N THR B 511 -10.13 26.22 -16.13
CA THR B 511 -11.46 26.79 -15.89
C THR B 511 -12.47 25.65 -15.79
N GLY B 512 -13.58 25.95 -15.11
CA GLY B 512 -14.59 24.96 -14.83
C GLY B 512 -14.28 24.05 -13.65
N TYR B 513 -13.17 24.29 -12.96
CA TYR B 513 -12.75 23.42 -11.87
C TYR B 513 -11.82 24.22 -10.96
N SER B 514 -11.55 23.67 -9.78
CA SER B 514 -10.62 24.26 -8.83
C SER B 514 -9.42 23.36 -8.67
N ILE B 515 -8.23 23.93 -8.76
CA ILE B 515 -6.99 23.15 -8.74
C ILE B 515 -6.67 22.71 -7.32
N THR B 516 -7.51 23.08 -6.36
CA THR B 516 -7.32 22.69 -4.98
C THR B 516 -8.00 21.37 -4.63
N SER B 517 -8.63 20.71 -5.61
CA SER B 517 -9.26 19.43 -5.39
C SER B 517 -8.28 18.31 -5.68
N ASP B 518 -8.73 17.07 -5.49
CA ASP B 518 -7.86 15.90 -5.56
C ASP B 518 -7.56 15.56 -7.02
N TYR B 519 -6.53 16.21 -7.56
CA TYR B 519 -6.07 15.92 -8.91
C TYR B 519 -4.64 16.40 -9.08
N TYR B 520 -3.85 15.63 -9.84
CA TYR B 520 -2.49 16.01 -10.17
C TYR B 520 -2.49 16.82 -11.46
N TRP B 521 -1.61 17.82 -11.53
CA TRP B 521 -1.50 18.67 -12.71
C TRP B 521 -0.07 18.60 -13.21
N ASN B 522 0.10 18.15 -14.46
CA ASN B 522 1.39 17.79 -14.99
C ASN B 522 1.74 18.66 -16.19
N TRP B 523 3.04 18.89 -16.37
CA TRP B 523 3.60 19.50 -17.56
C TRP B 523 4.40 18.44 -18.31
N ILE B 524 4.10 18.28 -19.61
CA ILE B 524 4.76 17.33 -20.49
C ILE B 524 5.16 18.05 -21.77
N ARG B 525 6.13 17.48 -22.48
CA ARG B 525 6.57 18.06 -23.74
C ARG B 525 6.83 16.94 -24.75
N GLN B 526 6.66 17.28 -26.03
CA GLN B 526 6.86 16.35 -27.13
C GLN B 526 7.80 16.98 -28.14
N PHE B 527 8.89 16.29 -28.44
CA PHE B 527 9.87 16.76 -29.40
C PHE B 527 9.42 16.45 -30.81
N PRO B 528 10.10 17.01 -31.82
CA PRO B 528 9.86 16.56 -33.19
C PRO B 528 10.17 15.07 -33.31
N GLY B 529 9.37 14.38 -34.12
CA GLY B 529 9.42 12.93 -34.17
C GLY B 529 8.50 12.24 -33.19
N ASN B 530 7.79 13.01 -32.35
CA ASN B 530 6.76 12.46 -31.48
C ASN B 530 7.34 11.57 -30.38
N LYS B 531 8.42 12.02 -29.76
CA LYS B 531 9.03 11.31 -28.63
C LYS B 531 8.65 12.06 -27.35
N LEU B 532 7.64 11.55 -26.65
CA LEU B 532 7.14 12.21 -25.46
C LEU B 532 8.16 12.13 -24.34
N GLU B 533 8.08 13.09 -23.42
CA GLU B 533 8.97 13.13 -22.26
C GLU B 533 8.27 13.92 -21.16
N TRP B 534 7.81 13.23 -20.12
CA TRP B 534 7.14 13.89 -19.01
C TRP B 534 8.11 14.84 -18.32
N MET B 535 7.66 16.08 -18.10
CA MET B 535 8.53 17.11 -17.51
C MET B 535 8.41 17.14 -15.99
N ALA B 536 7.21 17.37 -15.46
CA ALA B 536 7.06 17.46 -14.01
C ALA B 536 5.58 17.47 -13.67
N TYR B 537 5.28 17.52 -12.37
CA TYR B 537 3.89 17.61 -11.95
C TYR B 537 3.80 18.23 -10.56
N ILE B 538 2.60 18.69 -10.22
CA ILE B 538 2.31 19.28 -8.93
C ILE B 538 0.96 18.75 -8.44
N ARG B 539 0.86 18.46 -7.16
CA ARG B 539 -0.36 17.95 -6.55
C ARG B 539 -1.07 19.09 -5.81
N TYR B 540 -2.39 18.96 -5.69
CA TYR B 540 -3.17 20.00 -5.03
C TYR B 540 -2.71 20.26 -3.60
N ASP B 541 -2.11 19.25 -2.96
CA ASP B 541 -1.55 19.44 -1.63
C ASP B 541 -0.36 20.38 -1.61
N GLY B 542 0.20 20.72 -2.77
CA GLY B 542 1.39 21.51 -2.87
C GLY B 542 2.65 20.73 -3.14
N THR B 543 2.62 19.41 -2.92
CA THR B 543 3.77 18.57 -3.23
C THR B 543 3.99 18.53 -4.73
N SER B 544 5.26 18.60 -5.13
CA SER B 544 5.63 18.64 -6.54
C SER B 544 6.73 17.62 -6.80
N ASP B 545 6.75 17.10 -8.03
CA ASP B 545 7.75 16.14 -8.44
C ASP B 545 8.33 16.54 -9.79
N TYR B 546 9.63 16.26 -9.96
CA TYR B 546 10.38 16.67 -11.13
C TYR B 546 11.05 15.46 -11.76
N ASN B 547 11.40 15.59 -13.02
CA ASN B 547 12.21 14.58 -13.69
C ASN B 547 13.66 14.73 -13.25
N PRO B 548 14.31 13.66 -12.78
CA PRO B 548 15.69 13.82 -12.28
C PRO B 548 16.63 14.45 -13.29
N SER B 549 16.45 14.17 -14.58
CA SER B 549 17.31 14.78 -15.59
C SER B 549 17.14 16.29 -15.61
N LEU B 550 15.90 16.78 -15.49
CA LEU B 550 15.61 18.19 -15.59
C LEU B 550 15.48 18.87 -14.23
N LYS B 551 15.68 18.14 -13.13
CA LYS B 551 15.42 18.71 -11.82
C LYS B 551 16.28 19.92 -11.52
N ASN B 552 17.43 20.06 -12.18
CA ASN B 552 18.35 21.16 -11.91
C ASN B 552 18.13 22.37 -12.81
N ARG B 553 17.15 22.32 -13.71
CA ARG B 553 16.92 23.40 -14.66
C ARG B 553 15.52 23.99 -14.59
N ILE B 554 14.49 23.16 -14.46
CA ILE B 554 13.11 23.62 -14.54
C ILE B 554 12.56 23.75 -13.13
N SER B 555 11.58 24.65 -12.99
CA SER B 555 10.85 24.83 -11.75
C SER B 555 9.36 24.92 -12.06
N ILE B 556 8.54 24.46 -11.14
CA ILE B 556 7.09 24.44 -11.29
C ILE B 556 6.47 25.20 -10.13
N THR B 557 5.55 26.11 -10.43
CA THR B 557 4.88 26.89 -9.40
C THR B 557 3.39 26.94 -9.74
N ARG B 558 2.58 27.39 -8.78
CA ARG B 558 1.15 27.49 -8.99
C ARG B 558 0.61 28.76 -8.34
N ASP B 559 -0.66 29.03 -8.60
CA ASP B 559 -1.33 30.21 -8.04
C ASP B 559 -2.82 29.92 -8.03
N THR B 560 -3.38 29.68 -6.84
CA THR B 560 -4.80 29.36 -6.71
C THR B 560 -5.69 30.59 -6.72
N SER B 561 -5.12 31.79 -6.58
CA SER B 561 -5.94 33.00 -6.66
C SER B 561 -6.43 33.23 -8.09
N LYS B 562 -5.53 33.13 -9.06
CA LYS B 562 -5.87 33.24 -10.47
C LYS B 562 -6.00 31.88 -11.15
N ASN B 563 -5.93 30.79 -10.40
CA ASN B 563 -6.15 29.45 -10.93
C ASN B 563 -5.27 29.20 -12.14
N GLN B 564 -3.96 29.23 -11.90
CA GLN B 564 -2.97 28.98 -12.93
C GLN B 564 -1.84 28.15 -12.34
N PHE B 565 -1.03 27.57 -13.23
CA PHE B 565 0.27 27.06 -12.78
C PHE B 565 1.29 27.24 -13.90
N PHE B 566 2.52 27.55 -13.50
CA PHE B 566 3.55 28.00 -14.41
C PHE B 566 4.76 27.06 -14.35
N LEU B 567 5.41 26.92 -15.50
CA LEU B 567 6.66 26.19 -15.64
C LEU B 567 7.74 27.16 -16.11
N LYS B 568 8.87 27.19 -15.41
CA LYS B 568 9.95 28.11 -15.70
C LYS B 568 11.21 27.33 -16.03
N LEU B 569 11.83 27.64 -17.16
CA LEU B 569 13.04 26.98 -17.63
C LEU B 569 14.20 27.97 -17.62
N ASN B 570 15.37 27.50 -17.18
CA ASN B 570 16.55 28.33 -17.05
C ASN B 570 17.55 28.02 -18.16
N SER B 571 18.09 29.08 -18.76
CA SER B 571 19.14 28.98 -19.77
C SER B 571 18.78 27.91 -20.81
N VAL B 572 17.68 28.17 -21.52
CA VAL B 572 17.23 27.26 -22.56
C VAL B 572 18.33 27.11 -23.61
N ALA B 573 18.23 26.01 -24.36
CA ALA B 573 19.13 25.73 -25.47
C ALA B 573 18.29 25.35 -26.69
N THR B 574 18.97 25.09 -27.81
CA THR B 574 18.29 24.74 -29.04
C THR B 574 17.61 23.38 -28.98
N GLU B 575 17.89 22.58 -27.96
CA GLU B 575 17.34 21.24 -27.85
C GLU B 575 15.93 21.22 -27.25
N ASP B 576 15.39 22.36 -26.86
CA ASP B 576 14.07 22.42 -26.25
C ASP B 576 12.96 22.71 -27.26
N THR B 577 13.28 22.83 -28.54
CA THR B 577 12.26 23.03 -29.56
C THR B 577 11.24 21.90 -29.51
N ALA B 578 10.00 22.20 -29.13
CA ALA B 578 9.03 21.14 -28.91
C ALA B 578 7.67 21.75 -28.62
N THR B 579 6.67 20.87 -28.44
CA THR B 579 5.31 21.28 -28.11
C THR B 579 5.01 20.88 -26.68
N TYR B 580 4.55 21.84 -25.88
CA TYR B 580 4.34 21.65 -24.45
C TYR B 580 2.86 21.55 -24.15
N TYR B 581 2.48 20.53 -23.37
CA TYR B 581 1.10 20.33 -22.92
C TYR B 581 1.05 20.40 -21.40
N CYS B 582 -0.08 20.88 -20.89
CA CYS B 582 -0.42 20.78 -19.48
C CYS B 582 -1.65 19.89 -19.36
N ALA B 583 -1.58 18.90 -18.47
CA ALA B 583 -2.59 17.86 -18.39
C ALA B 583 -3.01 17.65 -16.94
N ARG B 584 -4.15 16.98 -16.77
CA ARG B 584 -4.67 16.61 -15.46
C ARG B 584 -4.70 15.09 -15.35
N ALA B 585 -4.33 14.57 -14.19
CA ALA B 585 -4.19 13.13 -14.00
C ALA B 585 -4.66 12.74 -12.60
N TYR B 586 -5.04 11.48 -12.47
CA TYR B 586 -5.41 10.89 -11.19
C TYR B 586 -4.71 9.54 -11.06
N TYR B 587 -4.35 9.19 -9.82
CA TYR B 587 -3.58 7.98 -9.56
C TYR B 587 -4.50 6.81 -9.26
N TYR B 588 -4.42 5.76 -10.08
CA TYR B 588 -5.09 4.51 -9.78
C TYR B 588 -4.40 3.43 -10.61
N ASP B 589 -3.69 2.52 -9.94
CA ASP B 589 -2.87 1.53 -10.64
C ASP B 589 -1.86 2.23 -11.55
N GLY B 590 -1.32 3.34 -11.08
CA GLY B 590 -0.41 4.16 -11.85
C GLY B 590 -1.07 5.45 -12.31
N ILE B 591 -0.23 6.46 -12.55
CA ILE B 591 -0.74 7.77 -12.96
C ILE B 591 -1.36 7.67 -14.34
N ASN B 592 -2.52 8.30 -14.51
CA ASN B 592 -3.24 8.30 -15.78
C ASN B 592 -3.57 9.75 -16.15
N PHE B 593 -3.16 10.16 -17.34
CA PHE B 593 -3.38 11.53 -17.82
C PHE B 593 -4.73 11.57 -18.53
N ASP B 594 -5.79 11.85 -17.76
CA ASP B 594 -7.14 11.79 -18.31
C ASP B 594 -7.41 12.94 -19.27
N TYR B 595 -7.06 14.16 -18.86
CA TYR B 595 -7.40 15.37 -19.61
C TYR B 595 -6.12 16.05 -20.10
N TRP B 596 -6.17 16.55 -21.33
CA TRP B 596 -5.03 17.20 -21.96
C TRP B 596 -5.44 18.56 -22.52
N GLY B 597 -4.48 19.47 -22.57
CA GLY B 597 -4.68 20.75 -23.21
C GLY B 597 -4.38 20.69 -24.70
N GLN B 598 -4.56 21.84 -25.36
CA GLN B 598 -4.32 21.92 -26.79
C GLN B 598 -2.85 21.91 -27.14
N GLY B 599 -1.98 22.32 -26.23
CA GLY B 599 -0.55 22.32 -26.48
C GLY B 599 -0.07 23.59 -27.16
N THR B 600 1.09 24.09 -26.76
CA THR B 600 1.68 25.29 -27.32
C THR B 600 3.07 24.99 -27.87
N THR B 601 3.36 25.52 -29.06
CA THR B 601 4.64 25.31 -29.68
C THR B 601 5.70 26.21 -29.05
N LEU B 602 6.96 25.77 -29.12
CA LEU B 602 8.08 26.58 -28.66
C LEU B 602 9.28 26.25 -29.54
N THR B 603 9.75 27.26 -30.28
CA THR B 603 10.90 27.14 -31.15
C THR B 603 12.00 28.04 -30.63
N VAL B 604 13.17 27.47 -30.40
CA VAL B 604 14.34 28.19 -29.88
C VAL B 604 15.41 28.18 -30.95
N SER B 605 15.87 29.36 -31.35
CA SER B 605 16.88 29.46 -32.39
C SER B 605 17.51 30.84 -32.33
N SER B 606 18.59 31.01 -33.11
CA SER B 606 19.42 32.20 -33.05
C SER B 606 18.99 33.28 -34.04
N GLU B 607 17.70 33.38 -34.33
CA GLU B 607 17.24 34.33 -35.33
C GLU B 607 15.79 34.72 -35.03
N ASN B 608 15.34 35.78 -35.68
CA ASN B 608 13.94 36.21 -35.63
C ASN B 608 13.25 35.70 -36.89
N LEU B 609 12.36 34.73 -36.72
CA LEU B 609 11.68 34.10 -37.86
C LEU B 609 10.78 35.12 -38.53
N TYR B 610 11.12 35.49 -39.77
CA TYR B 610 10.35 36.46 -40.53
C TYR B 610 10.22 35.98 -41.97
N PHE B 611 9.05 36.24 -42.56
CA PHE B 611 8.78 35.87 -43.95
C PHE B 611 9.02 34.38 -44.18
N GLN B 612 8.51 33.57 -43.26
CA GLN B 612 8.63 32.11 -43.37
C GLN B 612 7.61 31.42 -42.48
#